data_7C6Y
#
_entry.id   7C6Y
#
_cell.length_a   58.350
_cell.length_b   63.250
_cell.length_c   103.950
_cell.angle_alpha   90.000
_cell.angle_beta   90.000
_cell.angle_gamma   90.000
#
_symmetry.space_group_name_H-M   'P 21 21 21'
#
loop_
_entity.id
_entity.type
_entity.pdbx_description
1 polymer 'Sugar ABC transporter, periplasmic sugar-binding protein'
2 non-polymer 'CHLORIDE ION'
3 non-polymer 'SULFATE ION'
4 non-polymer 1,2-ETHANEDIOL
5 non-polymer 'CARBON DIOXIDE'
6 water water
#
_entity_poly.entity_id   1
_entity_poly.type   'polypeptide(L)'
_entity_poly.pdbx_seq_one_letter_code
;MQKTLEVWIMPNSPQPAEDFKALVAPFEKAHGVEVKVTVLDAGVAWTKITTAATSGVGPDLTQLGTTWVGAISAMGVLEP
VDDVLEALGGEKAYLPAVWRTTRLEGARQATAVPWFSELRAFYYRTDALKAAGVNPAEMFASWQGFEAGLARLKASSFRD
PETKAPLAPLCTPGKNSWDVLHNAAPWIWGAGGEIVRQAGGRWQSALNSPESLEGLYFFLSLAQKGYVPAESLEKNTAQI
EADFQAGKCAVFASGPWMIQRAQVPEAKGGFAERTAAKNLGVAPYPAGPKGRYTFFGGSNLALFNFSKNKPLAKELLKYL
GGPEAQVRYAQMTGMLPALRSAWSDPSFQQNPLLRTFIQAAQFGRTYPSLAGWGGVENLAVQHLGMAWDLVAQGRLTREA
LKDLMDKASAAINQALRHHHHHH
;
_entity_poly.pdbx_strand_id   A
#
# COMPACT_ATOMS: atom_id res chain seq x y z
N LYS A 3 7.55 20.06 -29.55
CA LYS A 3 7.93 18.77 -28.83
C LYS A 3 7.26 18.71 -27.44
N THR A 4 6.11 18.05 -27.33
CA THR A 4 5.24 18.07 -26.12
C THR A 4 5.53 16.83 -25.26
N LEU A 5 5.62 17.02 -23.97
CA LEU A 5 5.92 15.89 -23.10
C LEU A 5 4.67 15.01 -23.00
N GLU A 6 4.86 13.71 -22.84
CA GLU A 6 3.77 12.75 -22.71
C GLU A 6 4.00 12.00 -21.42
N VAL A 7 3.00 12.03 -20.55
CA VAL A 7 3.09 11.32 -19.28
C VAL A 7 1.97 10.26 -19.24
N TRP A 8 2.30 9.03 -18.84
CA TRP A 8 1.31 7.98 -18.56
C TRP A 8 1.09 7.91 -17.04
N ILE A 9 -0.16 7.96 -16.60
CA ILE A 9 -0.47 7.82 -15.19
C ILE A 9 -1.51 6.74 -15.01
N MET A 10 -1.71 6.30 -13.77
CA MET A 10 -2.82 5.42 -13.36
CA MET A 10 -2.84 5.43 -13.42
C MET A 10 -3.96 6.27 -12.78
N PRO A 11 -5.13 5.71 -12.49
CA PRO A 11 -6.28 6.51 -12.01
C PRO A 11 -6.12 6.85 -10.53
N ASN A 12 -5.34 7.87 -10.23
CA ASN A 12 -4.83 8.12 -8.87
C ASN A 12 -5.83 8.89 -8.04
N SER A 13 -6.81 9.50 -8.69
CA SER A 13 -7.71 10.49 -8.05
C SER A 13 -9.02 10.44 -8.81
N PRO A 14 -10.10 11.02 -8.27
CA PRO A 14 -11.37 10.82 -8.91
C PRO A 14 -11.50 11.33 -10.36
N GLN A 15 -10.87 12.44 -10.71
CA GLN A 15 -10.76 12.93 -12.13
C GLN A 15 -9.28 12.91 -12.48
N PRO A 16 -8.69 11.75 -12.78
CA PRO A 16 -7.21 11.63 -12.72
C PRO A 16 -6.46 12.54 -13.69
N ALA A 17 -6.93 12.62 -14.96
CA ALA A 17 -6.25 13.42 -15.99
C ALA A 17 -6.36 14.88 -15.61
N GLU A 18 -7.57 15.31 -15.19
CA GLU A 18 -7.83 16.71 -14.80
C GLU A 18 -6.95 17.08 -13.62
N ASP A 19 -6.83 16.23 -12.63
CA ASP A 19 -6.03 16.55 -11.44
C ASP A 19 -4.55 16.68 -11.82
N PHE A 20 -4.09 15.81 -12.70
CA PHE A 20 -2.71 15.86 -13.17
C PHE A 20 -2.45 17.15 -13.93
N LYS A 21 -3.38 17.50 -14.83
CA LYS A 21 -3.25 18.73 -15.60
C LYS A 21 -3.20 19.92 -14.64
N ALA A 22 -4.12 20.02 -13.66
CA ALA A 22 -4.12 21.17 -12.71
C ALA A 22 -2.80 21.17 -11.92
N LEU A 23 -2.29 19.98 -11.58
CA LEU A 23 -1.02 19.82 -10.81
C LEU A 23 0.16 20.45 -11.56
N VAL A 24 0.28 20.26 -12.88
CA VAL A 24 1.47 20.66 -13.67
C VAL A 24 1.25 22.02 -14.35
N ALA A 25 0.09 22.65 -14.15
CA ALA A 25 -0.23 23.95 -14.79
C ALA A 25 0.91 24.95 -14.49
N PRO A 26 1.37 25.15 -13.23
CA PRO A 26 2.51 26.06 -13.00
C PRO A 26 3.77 25.72 -13.78
N PHE A 27 4.10 24.42 -13.91
CA PHE A 27 5.24 23.98 -14.71
C PHE A 27 5.05 24.36 -16.17
N GLU A 28 3.86 24.08 -16.71
CA GLU A 28 3.51 24.39 -18.11
C GLU A 28 3.69 25.88 -18.34
N LYS A 29 3.22 26.68 -17.40
CA LYS A 29 3.29 28.16 -17.61
C LYS A 29 4.76 28.55 -17.56
N ALA A 30 5.55 28.07 -16.61
CA ALA A 30 6.96 28.50 -16.47
C ALA A 30 7.83 28.00 -17.63
N HIS A 31 7.45 26.92 -18.31
CA HIS A 31 8.28 26.32 -19.38
C HIS A 31 7.65 26.67 -20.73
N GLY A 32 6.48 27.31 -20.70
CA GLY A 32 5.67 27.67 -21.88
C GLY A 32 5.25 26.48 -22.70
N VAL A 33 4.84 25.34 -22.11
CA VAL A 33 4.47 24.13 -22.87
C VAL A 33 3.21 23.52 -22.28
N GLU A 34 2.57 22.66 -23.03
CA GLU A 34 1.53 21.79 -22.42
C GLU A 34 2.21 20.41 -22.18
N VAL A 35 1.79 19.74 -21.15
CA VAL A 35 2.14 18.32 -20.93
C VAL A 35 0.88 17.50 -21.27
N LYS A 36 1.01 16.42 -22.02
CA LYS A 36 -0.11 15.58 -22.44
C LYS A 36 -0.13 14.40 -21.51
N VAL A 37 -1.29 14.06 -21.03
CA VAL A 37 -1.46 12.97 -20.08
C VAL A 37 -2.41 11.94 -20.67
N THR A 38 -2.04 10.69 -20.53
CA THR A 38 -2.88 9.50 -20.78
C THR A 38 -3.02 8.70 -19.50
N VAL A 39 -4.25 8.37 -19.12
CA VAL A 39 -4.59 7.52 -17.96
C VAL A 39 -4.71 6.08 -18.42
N LEU A 40 -3.92 5.19 -17.79
CA LEU A 40 -3.94 3.74 -18.04
C LEU A 40 -4.87 3.09 -17.01
N ASP A 41 -5.94 2.40 -17.39
CA ASP A 41 -6.69 1.66 -16.34
C ASP A 41 -5.85 0.52 -15.77
N ALA A 42 -6.26 0.03 -14.59
CA ALA A 42 -5.46 -0.80 -13.66
C ALA A 42 -4.83 -1.96 -14.43
N GLY A 43 -5.67 -2.67 -15.21
CA GLY A 43 -5.31 -3.97 -15.80
C GLY A 43 -4.96 -3.89 -17.27
N VAL A 44 -4.64 -2.70 -17.79
CA VAL A 44 -3.86 -2.56 -19.05
C VAL A 44 -2.50 -1.93 -18.68
N ALA A 45 -2.34 -1.32 -17.51
CA ALA A 45 -1.16 -0.47 -17.29
C ALA A 45 0.13 -1.24 -17.49
N TRP A 46 0.26 -2.35 -16.78
CA TRP A 46 1.47 -3.19 -16.90
C TRP A 46 1.72 -3.65 -18.34
N THR A 47 0.71 -4.09 -19.06
CA THR A 47 0.80 -4.46 -20.51
C THR A 47 1.39 -3.31 -21.30
N LYS A 48 0.81 -2.13 -21.10
CA LYS A 48 1.16 -1.00 -21.95
C LYS A 48 2.62 -0.63 -21.70
N ILE A 49 2.99 -0.63 -20.42
CA ILE A 49 4.33 -0.12 -20.01
C ILE A 49 5.35 -1.16 -20.47
N THR A 50 5.07 -2.47 -20.36
CA THR A 50 6.05 -3.48 -20.87
C THR A 50 6.13 -3.41 -22.41
N THR A 51 5.03 -3.14 -23.07
CA THR A 51 5.04 -2.99 -24.56
C THR A 51 5.87 -1.77 -24.96
N ALA A 52 5.75 -0.65 -24.23
CA ALA A 52 6.55 0.55 -24.49
C ALA A 52 8.03 0.23 -24.29
N ALA A 53 8.35 -0.50 -23.23
CA ALA A 53 9.73 -0.92 -22.89
C ALA A 53 10.36 -1.74 -24.02
N THR A 54 9.65 -2.73 -24.51
CA THR A 54 10.20 -3.62 -25.55
C THR A 54 10.32 -2.89 -26.90
N SER A 55 9.37 -2.03 -27.25
CA SER A 55 9.19 -1.46 -28.60
C SER A 55 9.91 -0.12 -28.77
N GLY A 56 10.08 0.65 -27.68
CA GLY A 56 10.54 2.04 -27.71
C GLY A 56 9.49 3.01 -28.14
N VAL A 57 8.24 2.54 -28.15
CA VAL A 57 7.07 3.37 -28.53
C VAL A 57 6.28 3.64 -27.25
N GLY A 58 6.40 4.86 -26.78
CA GLY A 58 5.82 5.17 -25.47
C GLY A 58 5.87 6.65 -25.09
N PRO A 59 5.55 6.93 -23.81
CA PRO A 59 5.58 8.27 -23.29
C PRO A 59 7.00 8.69 -22.96
N ASP A 60 7.16 9.92 -22.48
CA ASP A 60 8.45 10.34 -21.91
C ASP A 60 8.53 9.80 -20.49
N LEU A 61 7.54 10.17 -19.67
CA LEU A 61 7.44 9.69 -18.27
C LEU A 61 6.30 8.69 -18.12
N THR A 62 6.51 7.72 -17.24
CA THR A 62 5.41 6.81 -16.82
C THR A 62 5.42 6.74 -15.30
N GLN A 63 4.20 6.64 -14.74
CA GLN A 63 4.05 6.16 -13.39
C GLN A 63 4.33 4.67 -13.29
N LEU A 64 5.02 4.23 -12.26
CA LEU A 64 5.26 2.81 -12.00
C LEU A 64 4.84 2.56 -10.58
N GLY A 65 4.10 1.49 -10.30
CA GLY A 65 4.02 1.01 -8.93
C GLY A 65 5.38 0.76 -8.35
N THR A 66 5.56 0.96 -7.03
CA THR A 66 6.87 0.73 -6.42
C THR A 66 7.36 -0.67 -6.67
N THR A 67 6.48 -1.68 -6.76
CA THR A 67 6.95 -3.07 -6.96
C THR A 67 7.36 -3.34 -8.39
N TRP A 68 7.12 -2.44 -9.34
CA TRP A 68 7.45 -2.64 -10.75
C TRP A 68 8.85 -2.11 -11.11
N VAL A 69 9.41 -1.33 -10.20
CA VAL A 69 10.65 -0.58 -10.48
C VAL A 69 11.76 -1.56 -10.87
N GLY A 70 11.95 -2.65 -10.11
CA GLY A 70 13.02 -3.62 -10.37
C GLY A 70 12.86 -4.18 -11.75
N ALA A 71 11.67 -4.64 -12.13
CA ALA A 71 11.44 -5.35 -13.40
C ALA A 71 11.68 -4.43 -14.58
N ILE A 72 11.20 -3.20 -14.56
CA ILE A 72 11.38 -2.32 -15.70
C ILE A 72 12.85 -1.89 -15.74
N SER A 73 13.46 -1.58 -14.59
CA SER A 73 14.87 -1.17 -14.50
C SER A 73 15.78 -2.23 -15.12
N ALA A 74 15.51 -3.47 -14.83
CA ALA A 74 16.35 -4.60 -15.28
C ALA A 74 16.26 -4.72 -16.81
N MET A 75 15.24 -4.19 -17.47
CA MET A 75 15.08 -4.26 -18.94
CA MET A 75 15.07 -4.24 -18.95
C MET A 75 15.99 -3.24 -19.66
N GLY A 76 16.59 -2.30 -18.95
CA GLY A 76 17.55 -1.39 -19.57
C GLY A 76 16.94 -0.23 -20.29
N VAL A 77 15.69 0.09 -19.95
CA VAL A 77 14.95 1.16 -20.66
C VAL A 77 14.74 2.41 -19.82
N LEU A 78 15.23 2.47 -18.60
CA LEU A 78 14.99 3.68 -17.78
C LEU A 78 16.23 4.57 -17.73
N GLU A 79 16.01 5.88 -17.87
CA GLU A 79 17.06 6.90 -17.67
C GLU A 79 17.46 6.98 -16.19
N PRO A 80 18.77 6.97 -15.86
CA PRO A 80 19.22 7.25 -14.48
C PRO A 80 18.69 8.62 -14.02
N VAL A 81 18.27 8.69 -12.76
CA VAL A 81 17.74 9.95 -12.22
C VAL A 81 18.41 10.22 -10.89
N ASP A 82 19.63 9.75 -10.67
CA ASP A 82 20.35 10.16 -9.43
C ASP A 82 20.44 11.69 -9.31
N ASP A 83 20.55 12.40 -10.42
CA ASP A 83 20.65 13.88 -10.44
C ASP A 83 19.37 14.51 -9.91
N VAL A 84 18.23 14.02 -10.38
CA VAL A 84 16.92 14.50 -9.91
C VAL A 84 16.80 14.28 -8.38
N LEU A 85 17.13 13.10 -7.87
CA LEU A 85 17.01 12.78 -6.44
C LEU A 85 17.97 13.65 -5.62
N GLU A 86 19.18 13.84 -6.08
CA GLU A 86 20.14 14.75 -5.37
C GLU A 86 19.50 16.15 -5.27
N ALA A 87 18.96 16.64 -6.39
CA ALA A 87 18.27 17.96 -6.51
C ALA A 87 17.15 18.02 -5.45
N LEU A 88 16.49 16.93 -5.09
CA LEU A 88 15.35 16.93 -4.13
C LEU A 88 15.80 16.70 -2.68
N GLY A 89 17.10 16.50 -2.46
CA GLY A 89 17.64 16.37 -1.11
C GLY A 89 18.31 15.03 -0.89
N GLY A 90 18.34 14.16 -1.88
CA GLY A 90 19.11 12.91 -1.77
C GLY A 90 18.44 11.95 -0.80
N GLU A 91 19.19 10.97 -0.32
CA GLU A 91 18.71 9.85 0.47
C GLU A 91 17.98 10.34 1.72
N LYS A 92 18.44 11.41 2.35
CA LYS A 92 17.82 11.89 3.61
C LYS A 92 16.48 12.56 3.38
N ALA A 93 16.09 12.85 2.12
CA ALA A 93 14.78 13.47 1.81
C ALA A 93 13.64 12.45 1.93
N TYR A 94 13.89 11.13 2.11
CA TYR A 94 12.90 10.03 2.04
C TYR A 94 13.01 9.13 3.25
N LEU A 95 11.90 8.50 3.59
CA LEU A 95 11.92 7.35 4.49
C LEU A 95 12.77 6.28 3.82
N PRO A 96 13.55 5.54 4.57
CA PRO A 96 14.33 4.46 3.92
C PRO A 96 13.52 3.49 3.05
N ALA A 97 12.33 3.07 3.47
CA ALA A 97 11.47 2.14 2.72
C ALA A 97 11.14 2.80 1.38
N VAL A 98 10.96 4.09 1.38
CA VAL A 98 10.67 4.82 0.11
C VAL A 98 11.91 4.90 -0.80
N TRP A 99 13.06 5.23 -0.23
CA TRP A 99 14.35 5.25 -0.96
C TRP A 99 14.62 3.90 -1.58
N ARG A 100 14.26 2.81 -0.94
CA ARG A 100 14.54 1.47 -1.49
C ARG A 100 13.82 1.27 -2.84
N THR A 101 12.73 2.00 -3.11
CA THR A 101 11.87 1.85 -4.29
C THR A 101 12.41 2.70 -5.45
N THR A 102 13.55 3.41 -5.29
CA THR A 102 14.11 4.28 -6.33
C THR A 102 15.00 3.48 -7.31
N ARG A 103 15.30 2.24 -7.00
CA ARG A 103 16.30 1.47 -7.81
C ARG A 103 15.96 -0.01 -7.76
N LEU A 104 16.50 -0.74 -8.75
CA LEU A 104 16.68 -2.19 -8.62
C LEU A 104 17.47 -2.50 -7.38
N GLU A 105 17.04 -3.51 -6.67
CA GLU A 105 17.69 -3.90 -5.40
C GLU A 105 19.18 -4.14 -5.59
N GLY A 106 20.00 -3.46 -4.79
CA GLY A 106 21.46 -3.61 -4.89
C GLY A 106 22.13 -2.75 -5.92
N ALA A 107 21.39 -2.02 -6.75
CA ALA A 107 21.97 -1.04 -7.71
C ALA A 107 22.42 0.21 -6.97
N ARG A 108 23.39 0.91 -7.49
CA ARG A 108 23.92 2.20 -6.99
CA ARG A 108 23.74 2.20 -6.87
C ARG A 108 23.20 3.33 -7.72
N GLN A 109 22.55 3.01 -8.84
CA GLN A 109 21.95 4.00 -9.74
C GLN A 109 20.44 4.03 -9.55
N ALA A 110 19.87 5.20 -9.29
CA ALA A 110 18.42 5.39 -9.23
C ALA A 110 17.79 5.41 -10.60
N THR A 111 16.64 4.76 -10.72
CA THR A 111 15.84 4.74 -11.96
C THR A 111 14.42 5.21 -11.75
N ALA A 112 14.04 5.58 -10.55
CA ALA A 112 12.67 6.06 -10.35
C ALA A 112 12.68 7.14 -9.30
N VAL A 113 11.74 8.04 -9.44
CA VAL A 113 11.58 9.19 -8.52
C VAL A 113 10.31 8.94 -7.69
N PRO A 114 10.39 9.04 -6.33
CA PRO A 114 9.20 8.76 -5.52
C PRO A 114 8.13 9.82 -5.78
N TRP A 115 6.89 9.38 -5.98
CA TRP A 115 5.75 10.26 -6.32
C TRP A 115 4.77 10.37 -5.18
N PHE A 116 4.18 9.26 -4.75
CA PHE A 116 3.31 9.25 -3.56
C PHE A 116 3.38 7.86 -2.91
N SER A 117 3.11 7.86 -1.62
CA SER A 117 3.17 6.58 -0.85
C SER A 117 1.77 6.10 -0.50
N GLU A 118 1.56 4.82 -0.50
CA GLU A 118 0.35 4.18 0.01
C GLU A 118 0.82 3.49 1.28
N LEU A 119 0.35 3.88 2.41
CA LEU A 119 0.61 3.12 3.67
C LEU A 119 -0.70 2.76 4.33
N ARG A 120 -0.68 1.71 5.12
CA ARG A 120 -1.90 1.15 5.69
C ARG A 120 -1.86 1.14 7.22
N ALA A 121 -2.98 1.52 7.82
CA ALA A 121 -3.18 1.55 9.27
C ALA A 121 -4.62 1.14 9.57
N PHE A 122 -4.96 1.01 10.84
CA PHE A 122 -6.31 0.50 11.22
C PHE A 122 -7.25 1.67 11.47
N TYR A 123 -8.34 1.69 10.74
CA TYR A 123 -9.51 2.52 11.14
C TYR A 123 -10.31 1.77 12.21
N TYR A 124 -10.90 2.50 13.15
CA TYR A 124 -11.77 1.87 14.15
C TYR A 124 -12.92 2.85 14.51
N ARG A 125 -13.98 2.22 14.94
CA ARG A 125 -15.17 2.95 15.46
C ARG A 125 -14.93 3.37 16.88
N THR A 126 -14.78 4.66 17.16
CA THR A 126 -14.42 5.15 18.53
C THR A 126 -15.56 4.82 19.52
N ASP A 127 -16.80 4.85 19.02
CA ASP A 127 -18.02 4.54 19.80
C ASP A 127 -18.09 3.08 20.17
N ALA A 128 -17.83 2.20 19.19
CA ALA A 128 -17.83 0.75 19.43
C ALA A 128 -16.74 0.40 20.45
N LEU A 129 -15.52 0.92 20.35
CA LEU A 129 -14.46 0.48 21.30
C LEU A 129 -14.79 1.01 22.70
N LYS A 130 -15.25 2.23 22.78
CA LYS A 130 -15.72 2.77 24.11
C LYS A 130 -16.79 1.83 24.74
N ALA A 131 -17.88 1.51 24.05
CA ALA A 131 -18.98 0.61 24.54
C ALA A 131 -18.49 -0.80 24.88
N ALA A 132 -17.48 -1.31 24.17
CA ALA A 132 -16.91 -2.65 24.45
C ALA A 132 -15.92 -2.62 25.60
N GLY A 133 -15.55 -1.44 26.08
CA GLY A 133 -14.59 -1.36 27.20
C GLY A 133 -13.14 -1.44 26.74
N VAL A 134 -12.87 -1.03 25.52
CA VAL A 134 -11.56 -1.28 24.83
C VAL A 134 -10.84 0.06 24.70
N ASN A 135 -9.66 0.19 25.30
CA ASN A 135 -8.79 1.38 25.09
C ASN A 135 -8.03 1.25 23.76
N PRO A 136 -8.25 2.16 22.78
CA PRO A 136 -7.65 2.04 21.44
C PRO A 136 -6.11 1.99 21.52
N ALA A 137 -5.51 2.79 22.42
CA ALA A 137 -4.04 2.82 22.56
C ALA A 137 -3.52 1.42 22.82
N GLU A 138 -4.18 0.66 23.68
CA GLU A 138 -3.69 -0.67 24.07
C GLU A 138 -4.20 -1.71 23.04
N MET A 139 -5.38 -1.60 22.44
CA MET A 139 -5.76 -2.57 21.37
C MET A 139 -4.74 -2.54 20.21
N PHE A 140 -4.24 -1.38 19.80
CA PHE A 140 -3.37 -1.29 18.61
C PHE A 140 -1.90 -1.24 18.99
N ALA A 141 -1.55 -1.39 20.27
CA ALA A 141 -0.12 -1.36 20.70
C ALA A 141 0.58 -2.69 20.42
N SER A 142 -0.09 -3.81 20.63
CA SER A 142 0.54 -5.15 20.62
C SER A 142 -0.40 -6.21 20.08
N TRP A 143 0.16 -7.36 19.69
CA TRP A 143 -0.68 -8.51 19.29
C TRP A 143 -1.68 -8.91 20.39
N GLN A 144 -1.23 -9.03 21.62
CA GLN A 144 -2.07 -9.46 22.75
C GLN A 144 -3.18 -8.45 22.95
N GLY A 145 -2.84 -7.17 22.91
CA GLY A 145 -3.85 -6.12 22.99
C GLY A 145 -4.88 -6.24 21.89
N PHE A 146 -4.39 -6.52 20.67
CA PHE A 146 -5.24 -6.50 19.47
C PHE A 146 -6.25 -7.64 19.61
N GLU A 147 -5.80 -8.88 19.89
CA GLU A 147 -6.74 -10.02 20.00
C GLU A 147 -7.67 -9.79 21.20
N ALA A 148 -7.20 -9.25 22.33
CA ALA A 148 -8.04 -8.98 23.53
C ALA A 148 -9.11 -7.98 23.13
N GLY A 149 -8.77 -6.98 22.31
CA GLY A 149 -9.73 -5.95 21.86
C GLY A 149 -10.82 -6.58 21.04
N LEU A 150 -10.44 -7.49 20.13
CA LEU A 150 -11.41 -8.10 19.22
C LEU A 150 -12.32 -9.03 20.05
N ALA A 151 -11.81 -9.71 21.06
CA ALA A 151 -12.62 -10.58 21.95
C ALA A 151 -13.65 -9.72 22.69
N ARG A 152 -13.25 -8.57 23.20
CA ARG A 152 -14.21 -7.62 23.87
C ARG A 152 -15.25 -7.14 22.87
N LEU A 153 -14.80 -6.76 21.66
CA LEU A 153 -15.68 -6.29 20.57
C LEU A 153 -16.68 -7.36 20.15
N LYS A 154 -16.27 -8.62 20.13
CA LYS A 154 -17.22 -9.72 19.85
C LYS A 154 -18.29 -9.83 20.92
N ALA A 155 -17.90 -9.68 22.18
CA ALA A 155 -18.80 -9.89 23.35
C ALA A 155 -19.74 -8.72 23.51
N SER A 156 -19.40 -7.58 22.94
CA SER A 156 -20.08 -6.29 23.24
C SER A 156 -21.56 -6.36 22.91
N SER A 157 -22.42 -5.77 23.75
CA SER A 157 -23.84 -5.63 23.37
C SER A 157 -24.06 -4.47 22.42
N PHE A 158 -23.05 -3.67 22.13
CA PHE A 158 -23.23 -2.41 21.36
C PHE A 158 -23.90 -2.76 20.03
N ARG A 159 -24.78 -1.87 19.56
CA ARG A 159 -25.36 -1.98 18.20
C ARG A 159 -25.16 -0.65 17.48
N ASP A 160 -24.97 -0.70 16.16
CA ASP A 160 -24.76 0.56 15.40
C ASP A 160 -26.09 1.30 15.51
N PRO A 161 -26.08 2.63 15.75
CA PRO A 161 -27.34 3.40 15.84
C PRO A 161 -28.24 3.36 14.61
N GLU A 162 -27.65 3.25 13.42
CA GLU A 162 -28.39 3.26 12.12
C GLU A 162 -28.72 1.81 11.74
N THR A 163 -27.79 0.85 11.84
CA THR A 163 -28.14 -0.54 11.42
C THR A 163 -29.06 -1.14 12.47
N LYS A 164 -29.00 -0.68 13.73
CA LYS A 164 -29.63 -1.40 14.87
C LYS A 164 -29.09 -2.82 15.00
N ALA A 165 -27.92 -3.12 14.43
CA ALA A 165 -27.29 -4.45 14.53
C ALA A 165 -25.91 -4.34 15.16
N PRO A 166 -25.38 -5.49 15.66
CA PRO A 166 -23.99 -5.58 16.08
C PRO A 166 -23.01 -5.23 14.96
N LEU A 167 -21.78 -4.92 15.35
CA LEU A 167 -20.71 -4.68 14.37
C LEU A 167 -19.83 -5.91 14.36
N ALA A 168 -19.31 -6.27 13.22
CA ALA A 168 -18.26 -7.28 13.17
C ALA A 168 -17.02 -6.68 13.83
N PRO A 169 -16.27 -7.44 14.63
CA PRO A 169 -15.06 -6.88 15.23
C PRO A 169 -14.08 -6.36 14.18
N LEU A 170 -13.77 -7.21 13.19
CA LEU A 170 -12.75 -6.98 12.16
C LEU A 170 -13.26 -7.44 10.81
N CYS A 171 -13.17 -6.58 9.78
CA CYS A 171 -13.39 -7.00 8.37
C CYS A 171 -12.04 -6.95 7.69
N THR A 172 -11.69 -8.03 7.01
CA THR A 172 -10.48 -8.14 6.18
C THR A 172 -10.85 -9.07 5.03
N PRO A 173 -10.33 -8.82 3.83
CA PRO A 173 -10.65 -9.68 2.70
C PRO A 173 -9.81 -10.95 2.68
N GLY A 174 -10.32 -12.02 2.05
CA GLY A 174 -9.56 -13.26 1.91
C GLY A 174 -9.45 -13.71 0.44
N LYS A 175 -9.77 -12.83 -0.49
CA LYS A 175 -9.87 -13.11 -1.93
C LYS A 175 -8.54 -12.81 -2.59
N ASN A 176 -7.94 -13.76 -3.31
CA ASN A 176 -6.57 -13.58 -3.83
C ASN A 176 -6.56 -12.24 -4.59
N SER A 177 -5.78 -11.34 -4.10
CA SER A 177 -5.52 -10.02 -4.71
C SER A 177 -4.16 -9.64 -4.19
N TRP A 178 -3.58 -8.60 -4.70
CA TRP A 178 -2.31 -8.03 -4.17
C TRP A 178 -2.51 -7.53 -2.73
N ASP A 179 -3.74 -7.11 -2.41
CA ASP A 179 -4.14 -6.67 -1.05
C ASP A 179 -3.91 -7.82 -0.05
N VAL A 180 -3.95 -9.08 -0.43
CA VAL A 180 -3.87 -10.08 0.68
C VAL A 180 -2.42 -10.16 1.17
N LEU A 181 -1.44 -10.01 0.32
CA LEU A 181 -0.04 -10.09 0.71
C LEU A 181 0.21 -8.80 1.49
N HIS A 182 -0.26 -7.62 1.07
CA HIS A 182 0.10 -6.42 1.89
CA HIS A 182 -0.06 -6.35 1.86
C HIS A 182 -0.66 -6.45 3.24
N ASN A 183 -1.83 -7.07 3.35
CA ASN A 183 -2.54 -7.11 4.66
C ASN A 183 -1.83 -8.12 5.58
N ALA A 184 -1.15 -9.11 5.00
CA ALA A 184 -0.40 -10.13 5.77
C ALA A 184 0.97 -9.60 6.20
N ALA A 185 1.58 -8.76 5.36
CA ALA A 185 3.01 -8.40 5.54
C ALA A 185 3.30 -7.84 6.92
N PRO A 186 2.49 -6.95 7.56
CA PRO A 186 2.93 -6.42 8.87
C PRO A 186 2.96 -7.54 9.94
N TRP A 187 2.10 -8.52 9.82
CA TRP A 187 2.02 -9.64 10.79
C TRP A 187 3.26 -10.54 10.57
N ILE A 188 3.56 -10.89 9.33
CA ILE A 188 4.85 -11.56 9.02
C ILE A 188 6.05 -10.81 9.60
N TRP A 189 6.14 -9.52 9.26
CA TRP A 189 7.28 -8.71 9.69
C TRP A 189 7.38 -8.57 11.21
N GLY A 190 6.25 -8.30 11.90
CA GLY A 190 6.22 -8.08 13.35
C GLY A 190 6.61 -9.33 14.09
N ALA A 191 6.41 -10.51 13.49
CA ALA A 191 6.86 -11.74 14.16
C ALA A 191 8.37 -11.96 14.02
N GLY A 192 9.02 -11.16 13.14
CA GLY A 192 10.44 -11.32 12.83
C GLY A 192 10.65 -12.03 11.54
N GLY A 193 9.63 -12.20 10.73
CA GLY A 193 9.73 -12.93 9.45
C GLY A 193 9.85 -12.03 8.27
N GLU A 194 9.84 -12.62 7.10
CA GLU A 194 9.93 -11.88 5.81
C GLU A 194 9.18 -12.72 4.79
N ILE A 195 8.85 -12.13 3.66
CA ILE A 195 8.42 -12.90 2.52
C ILE A 195 9.59 -13.58 1.78
N VAL A 196 10.61 -12.79 1.47
CA VAL A 196 11.88 -13.35 0.93
C VAL A 196 13.02 -12.73 1.73
N ARG A 197 14.16 -13.38 1.70
CA ARG A 197 15.34 -12.89 2.39
C ARG A 197 16.55 -13.35 1.62
N GLN A 198 17.65 -12.74 2.01
CA GLN A 198 18.92 -13.25 1.60
C GLN A 198 19.41 -14.23 2.66
N ALA A 199 19.82 -15.39 2.22
CA ALA A 199 20.39 -16.42 3.13
C ALA A 199 21.21 -17.40 2.28
N GLY A 200 22.37 -17.84 2.77
CA GLY A 200 23.07 -18.96 2.11
C GLY A 200 23.38 -18.60 0.67
N GLY A 201 23.73 -17.36 0.45
CA GLY A 201 24.24 -16.92 -0.86
C GLY A 201 23.14 -16.65 -1.89
N ARG A 202 21.87 -16.62 -1.50
CA ARG A 202 20.74 -16.50 -2.46
C ARG A 202 19.62 -15.67 -1.85
N TRP A 203 18.72 -15.24 -2.71
CA TRP A 203 17.34 -14.84 -2.32
C TRP A 203 16.52 -16.10 -2.20
N GLN A 204 15.73 -16.19 -1.14
CA GLN A 204 14.87 -17.37 -0.95
C GLN A 204 13.59 -16.90 -0.28
N SER A 205 12.56 -17.73 -0.36
CA SER A 205 11.33 -17.52 0.41
C SER A 205 11.69 -17.68 1.87
N ALA A 206 11.06 -16.83 2.68
CA ALA A 206 11.01 -17.03 4.15
C ALA A 206 9.58 -17.22 4.65
N LEU A 207 8.60 -17.49 3.80
CA LEU A 207 7.19 -17.70 4.17
C LEU A 207 7.02 -18.92 5.05
N ASN A 208 7.93 -19.89 4.98
CA ASN A 208 7.78 -21.14 5.77
C ASN A 208 8.76 -21.06 6.95
N SER A 209 9.33 -19.90 7.28
CA SER A 209 10.18 -19.78 8.52
C SER A 209 9.27 -19.83 9.73
N PRO A 210 9.72 -20.34 10.91
CA PRO A 210 8.90 -20.29 12.12
C PRO A 210 8.31 -18.94 12.46
N GLU A 211 9.08 -17.85 12.21
CA GLU A 211 8.62 -16.50 12.57
C GLU A 211 7.55 -16.06 11.58
N SER A 212 7.72 -16.30 10.28
CA SER A 212 6.69 -15.88 9.30
C SER A 212 5.41 -16.63 9.56
N LEU A 213 5.57 -17.93 9.90
CA LEU A 213 4.40 -18.80 10.18
C LEU A 213 3.65 -18.35 11.46
N GLU A 214 4.35 -17.86 12.49
CA GLU A 214 3.74 -17.33 13.72
C GLU A 214 2.91 -16.11 13.37
N GLY A 215 3.47 -15.20 12.56
CA GLY A 215 2.74 -14.01 12.20
C GLY A 215 1.53 -14.34 11.35
N LEU A 216 1.74 -15.17 10.35
CA LEU A 216 0.61 -15.49 9.43
C LEU A 216 -0.50 -16.18 10.21
N TYR A 217 -0.13 -17.17 11.04
CA TYR A 217 -1.12 -17.89 11.85
C TYR A 217 -1.87 -16.98 12.82
N PHE A 218 -1.14 -16.08 13.52
CA PHE A 218 -1.77 -15.13 14.43
C PHE A 218 -2.92 -14.44 13.71
N PHE A 219 -2.66 -13.86 12.54
CA PHE A 219 -3.62 -13.04 11.78
C PHE A 219 -4.75 -13.92 11.29
N LEU A 220 -4.42 -14.97 10.55
CA LEU A 220 -5.44 -15.77 9.85
C LEU A 220 -6.34 -16.43 10.91
N SER A 221 -5.78 -16.83 12.05
CA SER A 221 -6.58 -17.47 13.12
C SER A 221 -7.65 -16.51 13.68
N LEU A 222 -7.48 -15.18 13.64
CA LEU A 222 -8.49 -14.24 14.18
C LEU A 222 -9.82 -14.51 13.45
N ALA A 223 -9.76 -14.84 12.17
CA ALA A 223 -10.95 -15.09 11.33
C ALA A 223 -11.58 -16.43 11.66
N GLN A 224 -10.86 -17.36 12.25
CA GLN A 224 -11.42 -18.66 12.70
C GLN A 224 -11.97 -18.61 14.11
N LYS A 225 -11.70 -17.53 14.82
CA LYS A 225 -12.13 -17.31 16.23
C LYS A 225 -13.46 -16.54 16.31
N GLY A 226 -14.16 -16.28 15.20
CA GLY A 226 -15.43 -15.52 15.15
C GLY A 226 -15.18 -14.01 15.05
N TYR A 227 -13.97 -13.55 14.85
CA TYR A 227 -13.73 -12.06 14.89
C TYR A 227 -13.89 -11.42 13.52
N VAL A 228 -13.90 -12.23 12.50
CA VAL A 228 -14.13 -11.78 11.11
C VAL A 228 -15.33 -12.56 10.58
N PRO A 229 -16.35 -11.88 10.07
CA PRO A 229 -17.54 -12.55 9.57
C PRO A 229 -17.18 -13.39 8.34
N ALA A 230 -17.91 -14.48 8.17
CA ALA A 230 -17.64 -15.34 6.98
C ALA A 230 -17.71 -14.49 5.72
N GLU A 231 -18.69 -13.58 5.63
CA GLU A 231 -18.95 -12.88 4.34
C GLU A 231 -17.79 -11.94 3.99
N SER A 232 -17.03 -11.50 5.00
CA SER A 232 -15.87 -10.61 4.70
C SER A 232 -14.82 -11.32 3.85
N LEU A 233 -14.63 -12.62 3.99
CA LEU A 233 -13.49 -13.32 3.31
C LEU A 233 -13.64 -13.25 1.79
N GLU A 234 -14.84 -13.12 1.22
CA GLU A 234 -14.97 -13.09 -0.27
C GLU A 234 -15.14 -11.67 -0.77
N LYS A 235 -15.08 -10.68 0.10
CA LYS A 235 -15.26 -9.29 -0.34
C LYS A 235 -13.92 -8.75 -0.83
N ASN A 236 -13.97 -7.85 -1.78
CA ASN A 236 -12.75 -7.12 -2.21
C ASN A 236 -12.56 -5.96 -1.25
N THR A 237 -11.54 -5.17 -1.53
CA THR A 237 -11.14 -4.02 -0.70
C THR A 237 -12.23 -2.92 -0.78
N ALA A 238 -12.86 -2.63 -1.91
CA ALA A 238 -13.94 -1.62 -2.04
C ALA A 238 -15.18 -2.02 -1.21
N GLN A 239 -15.50 -3.32 -1.19
CA GLN A 239 -16.72 -3.79 -0.52
C GLN A 239 -16.50 -3.64 0.98
N ILE A 240 -15.27 -3.95 1.46
CA ILE A 240 -14.96 -3.85 2.91
C ILE A 240 -15.09 -2.37 3.33
N GLU A 241 -14.59 -1.46 2.50
CA GLU A 241 -14.66 0.00 2.77
C GLU A 241 -16.12 0.42 2.88
N ALA A 242 -16.96 -0.11 1.99
CA ALA A 242 -18.40 0.23 1.99
C ALA A 242 -19.08 -0.37 3.21
N ASP A 243 -18.67 -1.57 3.66
CA ASP A 243 -19.24 -2.17 4.90
C ASP A 243 -18.88 -1.31 6.11
N PHE A 244 -17.65 -0.80 6.18
CA PHE A 244 -17.25 0.08 7.32
C PHE A 244 -18.11 1.35 7.30
N GLN A 245 -18.19 2.03 6.15
CA GLN A 245 -19.03 3.24 6.03
C GLN A 245 -20.44 2.96 6.53
N ALA A 246 -21.01 1.81 6.17
CA ALA A 246 -22.43 1.44 6.45
C ALA A 246 -22.64 0.94 7.89
N GLY A 247 -21.61 0.96 8.73
CA GLY A 247 -21.75 0.64 10.17
C GLY A 247 -21.75 -0.86 10.47
N LYS A 248 -21.10 -1.65 9.62
CA LYS A 248 -21.04 -3.12 9.78
C LYS A 248 -19.73 -3.62 10.38
N CYS A 249 -18.73 -2.76 10.57
CA CYS A 249 -17.33 -3.18 10.91
CA CYS A 249 -17.33 -3.15 10.87
C CYS A 249 -16.77 -2.25 11.98
N ALA A 250 -16.29 -2.78 13.10
CA ALA A 250 -15.63 -1.96 14.15
C ALA A 250 -14.20 -1.59 13.73
N VAL A 251 -13.50 -2.45 12.97
CA VAL A 251 -12.05 -2.23 12.66
C VAL A 251 -11.78 -2.74 11.27
N PHE A 252 -11.04 -1.98 10.48
CA PHE A 252 -10.54 -2.49 9.20
C PHE A 252 -9.23 -1.75 8.85
N ALA A 253 -8.47 -2.29 7.92
CA ALA A 253 -7.21 -1.65 7.49
C ALA A 253 -7.35 -0.99 6.13
N SER A 254 -6.87 0.24 6.05
CA SER A 254 -6.93 1.02 4.79
C SER A 254 -5.84 2.08 4.77
N GLY A 255 -5.83 2.83 3.70
CA GLY A 255 -4.97 4.00 3.56
C GLY A 255 -5.69 5.27 3.98
N PRO A 256 -4.99 6.41 3.85
CA PRO A 256 -5.46 7.69 4.35
C PRO A 256 -6.63 8.28 3.58
N TRP A 257 -7.04 7.69 2.46
CA TRP A 257 -8.10 8.28 1.58
C TRP A 257 -9.44 8.32 2.31
N MET A 258 -9.66 7.44 3.28
CA MET A 258 -10.97 7.31 3.94
C MET A 258 -11.20 8.57 4.77
N ILE A 259 -10.11 9.20 5.24
CA ILE A 259 -10.15 10.44 6.10
C ILE A 259 -10.91 11.53 5.30
N GLN A 260 -10.50 11.79 4.06
CA GLN A 260 -11.20 12.82 3.23
C GLN A 260 -12.66 12.41 2.98
N ARG A 261 -12.93 11.14 2.67
CA ARG A 261 -14.26 10.64 2.24
C ARG A 261 -15.25 10.82 3.39
N ALA A 262 -14.75 10.74 4.64
CA ALA A 262 -15.58 10.91 5.84
C ALA A 262 -16.00 12.38 6.01
N GLN A 263 -15.38 13.31 5.29
CA GLN A 263 -15.71 14.77 5.39
C GLN A 263 -16.64 15.21 4.24
N VAL A 264 -16.77 14.38 3.20
CA VAL A 264 -17.61 14.61 2.00
C VAL A 264 -19.01 14.07 2.24
N PRO A 265 -20.06 14.87 1.96
CA PRO A 265 -21.44 14.39 2.08
C PRO A 265 -21.74 13.26 1.09
N GLU A 266 -22.66 12.36 1.49
CA GLU A 266 -23.32 11.29 0.67
C GLU A 266 -23.75 11.89 -0.68
N ALA A 267 -24.44 13.04 -0.64
CA ALA A 267 -24.93 13.79 -1.83
C ALA A 267 -23.79 14.10 -2.83
N LYS A 268 -22.51 14.02 -2.44
CA LYS A 268 -21.36 14.20 -3.39
C LYS A 268 -20.44 12.96 -3.41
N GLY A 269 -20.91 11.84 -2.88
CA GLY A 269 -20.28 10.52 -3.03
C GLY A 269 -19.55 10.02 -1.79
N GLY A 270 -19.54 10.75 -0.66
CA GLY A 270 -18.74 10.43 0.55
C GLY A 270 -19.62 9.77 1.61
N PHE A 271 -19.27 9.84 2.91
CA PHE A 271 -20.13 9.24 3.97
C PHE A 271 -20.20 10.11 5.25
N ALA A 272 -20.04 11.44 5.15
CA ALA A 272 -20.07 12.35 6.33
C ALA A 272 -21.27 12.06 7.22
N GLU A 273 -22.42 11.67 6.66
CA GLU A 273 -23.71 11.55 7.41
C GLU A 273 -23.74 10.30 8.30
N ARG A 274 -22.86 9.32 8.01
CA ARG A 274 -22.92 7.97 8.62
C ARG A 274 -22.31 8.04 10.02
N THR A 275 -22.79 7.23 10.93
CA THR A 275 -22.23 7.15 12.30
C THR A 275 -20.71 6.91 12.27
N ALA A 276 -20.26 6.09 11.33
CA ALA A 276 -18.81 5.74 11.16
C ALA A 276 -17.95 7.00 10.94
N ALA A 277 -18.40 7.97 10.15
CA ALA A 277 -17.68 9.24 9.89
C ALA A 277 -17.56 10.04 11.16
N LYS A 278 -18.61 10.06 11.96
CA LYS A 278 -18.70 10.91 13.17
C LYS A 278 -17.98 10.22 14.33
N ASN A 279 -17.55 8.96 14.19
CA ASN A 279 -16.95 8.18 15.29
C ASN A 279 -15.72 7.46 14.76
N LEU A 280 -14.88 8.19 14.08
CA LEU A 280 -13.74 7.61 13.33
C LEU A 280 -12.38 7.80 14.04
N GLY A 281 -11.66 6.70 14.24
CA GLY A 281 -10.32 6.63 14.83
C GLY A 281 -9.37 5.96 13.86
N VAL A 282 -8.12 6.31 13.95
CA VAL A 282 -7.04 5.61 13.18
C VAL A 282 -5.99 5.18 14.18
N ALA A 283 -5.35 4.02 13.98
CA ALA A 283 -4.23 3.59 14.84
C ALA A 283 -3.23 2.84 13.95
N PRO A 284 -1.93 2.95 14.18
CA PRO A 284 -0.99 2.14 13.42
C PRO A 284 -1.19 0.65 13.72
N TYR A 285 -0.63 -0.19 12.86
CA TYR A 285 -0.54 -1.64 13.17
C TYR A 285 0.14 -1.87 14.50
N PRO A 286 -0.32 -2.89 15.24
CA PRO A 286 0.34 -3.25 16.51
C PRO A 286 1.75 -3.81 16.26
N ALA A 287 2.56 -3.67 17.29
CA ALA A 287 3.91 -4.27 17.37
C ALA A 287 3.71 -5.76 17.57
N GLY A 288 4.49 -6.54 16.85
CA GLY A 288 4.60 -7.95 17.14
C GLY A 288 5.77 -8.16 18.08
N PRO A 289 6.10 -9.42 18.31
CA PRO A 289 7.10 -9.74 19.30
C PRO A 289 8.49 -9.28 18.86
N LYS A 290 8.68 -9.05 17.58
CA LYS A 290 9.99 -8.66 17.03
C LYS A 290 9.94 -7.28 16.36
N GLY A 291 8.92 -6.45 16.58
CA GLY A 291 8.98 -5.10 15.96
C GLY A 291 7.63 -4.63 15.48
N ARG A 292 7.58 -3.35 15.13
CA ARG A 292 6.37 -2.71 14.62
C ARG A 292 6.66 -2.23 13.21
N TYR A 293 5.85 -2.69 12.25
CA TYR A 293 6.00 -2.33 10.82
C TYR A 293 4.70 -1.86 10.21
N THR A 294 4.80 -0.90 9.29
CA THR A 294 3.69 -0.45 8.43
C THR A 294 4.07 -0.74 6.99
N PHE A 295 3.15 -1.36 6.26
CA PHE A 295 3.32 -1.63 4.82
C PHE A 295 3.35 -0.34 4.02
N PHE A 296 4.39 -0.17 3.24
CA PHE A 296 4.48 0.89 2.20
C PHE A 296 4.41 0.31 0.82
N GLY A 297 3.55 0.93 0.02
CA GLY A 297 3.57 0.82 -1.43
C GLY A 297 3.44 2.23 -2.02
N GLY A 298 2.77 2.32 -3.14
CA GLY A 298 2.55 3.60 -3.85
C GLY A 298 3.16 3.58 -5.20
N SER A 299 3.48 4.78 -5.69
CA SER A 299 3.93 4.88 -7.08
C SER A 299 5.10 5.89 -7.12
N ASN A 300 5.89 5.64 -8.14
CA ASN A 300 7.06 6.41 -8.56
C ASN A 300 6.85 6.81 -10.00
N LEU A 301 7.71 7.72 -10.41
CA LEU A 301 7.77 8.16 -11.81
C LEU A 301 9.11 7.79 -12.42
N ALA A 302 9.12 7.38 -13.68
CA ALA A 302 10.34 7.02 -14.39
C ALA A 302 10.34 7.60 -15.81
N LEU A 303 11.52 7.85 -16.35
CA LEU A 303 11.78 8.46 -17.66
C LEU A 303 12.34 7.35 -18.56
N PHE A 304 11.64 7.05 -19.62
CA PHE A 304 12.18 6.10 -20.64
C PHE A 304 13.43 6.69 -21.30
N ASN A 305 14.50 5.90 -21.42
CA ASN A 305 15.76 6.43 -21.96
C ASN A 305 15.73 6.60 -23.48
N PHE A 306 14.66 6.12 -24.11
CA PHE A 306 14.37 6.41 -25.54
C PHE A 306 13.59 7.72 -25.75
N SER A 307 13.13 8.37 -24.69
CA SER A 307 12.59 9.74 -24.80
C SER A 307 13.50 10.69 -25.59
N LYS A 308 12.90 11.53 -26.46
CA LYS A 308 13.69 12.58 -27.09
C LYS A 308 13.55 13.90 -26.36
N ASN A 309 12.95 13.90 -25.19
CA ASN A 309 12.67 15.12 -24.40
CA ASN A 309 12.74 15.18 -24.43
C ASN A 309 13.22 14.93 -23.00
N LYS A 310 14.39 14.30 -22.86
CA LYS A 310 14.93 13.91 -21.52
C LYS A 310 15.23 15.14 -20.68
N PRO A 311 15.82 16.25 -21.20
CA PRO A 311 16.09 17.35 -20.29
C PRO A 311 14.84 17.95 -19.68
N LEU A 312 13.81 18.20 -20.48
CA LEU A 312 12.58 18.80 -19.98
C LEU A 312 11.93 17.76 -19.05
N ALA A 313 11.93 16.48 -19.42
CA ALA A 313 11.29 15.41 -18.61
C ALA A 313 11.93 15.31 -17.23
N LYS A 314 13.24 15.47 -17.14
CA LYS A 314 13.88 15.54 -15.79
C LYS A 314 13.49 16.78 -14.99
N GLU A 315 13.29 17.93 -15.65
CA GLU A 315 12.70 19.11 -14.92
C GLU A 315 11.30 18.76 -14.43
N LEU A 316 10.56 17.98 -15.19
CA LEU A 316 9.16 17.71 -14.77
C LEU A 316 9.26 16.72 -13.59
N LEU A 317 10.19 15.80 -13.64
CA LEU A 317 10.37 14.85 -12.50
C LEU A 317 10.71 15.65 -11.24
N LYS A 318 11.64 16.60 -11.33
CA LYS A 318 12.00 17.42 -10.18
C LYS A 318 10.77 18.16 -9.66
N TYR A 319 9.93 18.69 -10.55
CA TYR A 319 8.73 19.47 -10.16
C TYR A 319 7.78 18.54 -9.36
N LEU A 320 7.48 17.38 -9.95
CA LEU A 320 6.48 16.42 -9.43
C LEU A 320 7.00 15.86 -8.11
N GLY A 321 8.29 15.71 -8.00
CA GLY A 321 8.89 15.14 -6.77
C GLY A 321 9.11 16.13 -5.68
N GLY A 322 8.90 17.41 -5.98
CA GLY A 322 9.26 18.48 -5.05
C GLY A 322 8.16 18.94 -4.12
N PRO A 323 8.49 19.78 -3.13
CA PRO A 323 7.55 20.06 -2.03
C PRO A 323 6.16 20.56 -2.43
N GLU A 324 6.08 21.56 -3.29
CA GLU A 324 4.77 22.19 -3.58
C GLU A 324 3.85 21.19 -4.25
N ALA A 325 4.33 20.50 -5.27
CA ALA A 325 3.52 19.52 -6.04
C ALA A 325 3.22 18.31 -5.14
N GLN A 326 4.13 17.98 -4.23
CA GLN A 326 3.87 16.84 -3.30
C GLN A 326 2.69 17.14 -2.38
N VAL A 327 2.67 18.33 -1.80
CA VAL A 327 1.54 18.77 -0.96
C VAL A 327 0.27 18.85 -1.81
N ARG A 328 0.34 19.48 -2.95
CA ARG A 328 -0.91 19.68 -3.72
C ARG A 328 -1.48 18.33 -4.12
N TYR A 329 -0.69 17.46 -4.73
CA TYR A 329 -1.31 16.25 -5.30
C TYR A 329 -2.00 15.49 -4.16
N ALA A 330 -1.45 15.46 -2.95
CA ALA A 330 -2.01 14.74 -1.79
C ALA A 330 -3.44 15.13 -1.48
N GLN A 331 -3.88 16.34 -1.74
CA GLN A 331 -5.28 16.78 -1.50
CA GLN A 331 -5.29 16.78 -1.52
C GLN A 331 -6.15 15.95 -2.47
N MET A 332 -5.56 15.63 -3.64
CA MET A 332 -6.29 15.03 -4.75
C MET A 332 -6.29 13.48 -4.63
N THR A 333 -5.18 12.83 -4.30
CA THR A 333 -5.07 11.35 -4.25
C THR A 333 -5.53 10.74 -2.90
N GLY A 334 -5.48 11.51 -1.80
CA GLY A 334 -5.78 10.83 -0.51
C GLY A 334 -4.58 10.03 -0.02
N MET A 335 -3.41 10.24 -0.60
CA MET A 335 -2.20 9.44 -0.26
C MET A 335 -1.21 10.32 0.50
N LEU A 336 -0.19 9.76 1.09
CA LEU A 336 0.88 10.53 1.75
C LEU A 336 1.94 10.90 0.72
N PRO A 337 2.48 12.14 0.79
CA PRO A 337 3.61 12.51 -0.07
C PRO A 337 4.70 11.46 0.08
N ALA A 338 5.42 11.22 -1.04
CA ALA A 338 6.63 10.39 -0.96
C ALA A 338 7.79 11.19 -0.39
N LEU A 339 7.77 12.53 -0.55
CA LEU A 339 8.82 13.43 -0.06
C LEU A 339 8.60 13.73 1.42
N ARG A 340 9.48 13.27 2.31
CA ARG A 340 9.22 13.32 3.76
C ARG A 340 9.00 14.75 4.26
N SER A 341 9.63 15.74 3.64
CA SER A 341 9.52 17.12 4.15
C SER A 341 8.09 17.66 3.97
N ALA A 342 7.38 17.14 3.00
CA ALA A 342 5.99 17.56 2.75
C ALA A 342 5.05 17.20 3.89
N TRP A 343 5.35 16.21 4.70
CA TRP A 343 4.43 15.76 5.77
C TRP A 343 4.26 16.86 6.80
N SER A 344 5.16 17.84 6.88
CA SER A 344 4.97 18.93 7.87
C SER A 344 3.85 19.89 7.51
N ASP A 345 3.37 19.85 6.27
CA ASP A 345 2.37 20.80 5.79
C ASP A 345 1.18 20.79 6.75
N PRO A 346 0.59 21.98 7.01
CA PRO A 346 -0.59 22.09 7.86
C PRO A 346 -1.77 21.24 7.38
N SER A 347 -1.86 20.97 6.07
CA SER A 347 -2.92 20.07 5.58
C SER A 347 -2.84 18.69 6.24
N PHE A 348 -1.66 18.21 6.62
CA PHE A 348 -1.47 16.96 7.35
C PHE A 348 -1.46 17.23 8.86
N GLN A 349 -0.67 18.18 9.30
CA GLN A 349 -0.36 18.28 10.73
C GLN A 349 -1.59 18.81 11.48
N GLN A 350 -2.54 19.48 10.85
CA GLN A 350 -3.70 20.04 11.57
C GLN A 350 -4.85 19.04 11.60
N ASN A 351 -4.60 17.81 11.13
CA ASN A 351 -5.63 16.74 11.02
C ASN A 351 -5.18 15.58 11.90
N PRO A 352 -5.84 15.32 13.04
CA PRO A 352 -5.33 14.33 14.01
C PRO A 352 -5.22 12.92 13.40
N LEU A 353 -6.12 12.56 12.50
CA LEU A 353 -6.04 11.22 11.79
C LEU A 353 -4.86 11.20 10.83
N LEU A 354 -4.52 12.26 10.12
CA LEU A 354 -3.33 12.25 9.21
C LEU A 354 -2.08 12.26 10.05
N ARG A 355 -2.03 12.98 11.19
CA ARG A 355 -0.82 12.88 12.05
C ARG A 355 -0.60 11.43 12.49
N THR A 356 -1.67 10.67 12.71
CA THR A 356 -1.53 9.25 13.10
C THR A 356 -0.93 8.44 11.96
N PHE A 357 -1.35 8.70 10.75
CA PHE A 357 -0.73 8.04 9.59
C PHE A 357 0.74 8.41 9.53
N ILE A 358 1.09 9.67 9.81
CA ILE A 358 2.54 10.04 9.79
C ILE A 358 3.27 9.34 10.91
N GLN A 359 2.64 9.14 12.08
CA GLN A 359 3.22 8.29 13.17
C GLN A 359 3.48 6.88 12.60
N ALA A 360 2.49 6.31 11.93
CA ALA A 360 2.56 4.96 11.33
C ALA A 360 3.69 4.89 10.29
N ALA A 361 3.87 6.00 9.60
CA ALA A 361 4.87 6.07 8.51
C ALA A 361 6.26 5.80 9.05
N GLN A 362 6.59 6.17 10.32
CA GLN A 362 7.97 6.05 10.88
C GLN A 362 8.37 4.57 10.93
N PHE A 363 7.41 3.66 10.88
CA PHE A 363 7.60 2.19 10.94
C PHE A 363 7.52 1.58 9.53
N GLY A 364 7.59 2.40 8.48
CA GLY A 364 7.41 1.91 7.11
C GLY A 364 8.42 0.89 6.64
N ARG A 365 7.93 -0.09 5.92
CA ARG A 365 8.71 -1.18 5.32
C ARG A 365 8.12 -1.50 3.97
N THR A 366 8.99 -1.94 3.07
CA THR A 366 8.44 -2.44 1.80
C THR A 366 9.16 -3.70 1.35
N TYR A 367 8.61 -4.25 0.29
CA TYR A 367 9.25 -5.45 -0.30
C TYR A 367 10.60 -5.09 -0.91
N PRO A 368 11.54 -6.08 -0.96
CA PRO A 368 12.75 -6.00 -1.74
C PRO A 368 12.43 -5.66 -3.20
N SER A 369 13.28 -4.82 -3.78
CA SER A 369 13.08 -4.24 -5.15
CA SER A 369 13.10 -4.24 -5.13
C SER A 369 13.63 -5.19 -6.20
N LEU A 370 13.16 -6.42 -6.21
CA LEU A 370 13.70 -7.50 -7.05
C LEU A 370 13.13 -7.43 -8.48
N ALA A 371 13.98 -7.70 -9.46
CA ALA A 371 13.55 -7.79 -10.88
C ALA A 371 12.38 -8.75 -11.05
N GLY A 372 12.44 -9.88 -10.35
CA GLY A 372 11.44 -10.96 -10.41
C GLY A 372 10.40 -10.84 -9.30
N TRP A 373 10.23 -9.65 -8.67
CA TRP A 373 9.21 -9.49 -7.61
C TRP A 373 7.83 -9.98 -8.10
N GLY A 374 7.36 -9.62 -9.29
CA GLY A 374 5.95 -9.97 -9.61
C GLY A 374 5.71 -11.46 -9.59
N GLY A 375 6.66 -12.26 -10.03
CA GLY A 375 6.49 -13.73 -9.93
C GLY A 375 6.49 -14.22 -8.48
N VAL A 376 7.31 -13.64 -7.60
CA VAL A 376 7.33 -13.94 -6.15
C VAL A 376 5.95 -13.58 -5.60
N GLU A 377 5.48 -12.39 -5.85
CA GLU A 377 4.21 -11.91 -5.25
C GLU A 377 3.07 -12.80 -5.80
N ASN A 378 3.02 -13.15 -7.10
CA ASN A 378 1.94 -14.03 -7.63
C ASN A 378 1.91 -15.35 -6.84
N LEU A 379 3.04 -15.99 -6.68
CA LEU A 379 3.10 -17.29 -5.98
C LEU A 379 2.72 -17.11 -4.51
N ALA A 380 3.20 -16.06 -3.86
CA ALA A 380 2.87 -15.82 -2.45
C ALA A 380 1.35 -15.63 -2.30
N VAL A 381 0.78 -14.78 -3.16
CA VAL A 381 -0.68 -14.46 -3.09
C VAL A 381 -1.51 -15.73 -3.32
N GLN A 382 -1.13 -16.57 -4.27
CA GLN A 382 -1.92 -17.78 -4.60
CA GLN A 382 -1.89 -17.80 -4.60
C GLN A 382 -1.89 -18.72 -3.40
N HIS A 383 -0.73 -18.86 -2.77
CA HIS A 383 -0.60 -19.76 -1.60
C HIS A 383 -1.28 -19.20 -0.37
N LEU A 384 -1.15 -17.91 -0.11
CA LEU A 384 -1.94 -17.27 0.96
C LEU A 384 -3.44 -17.42 0.67
N GLY A 385 -3.87 -17.35 -0.57
CA GLY A 385 -5.32 -17.50 -0.78
C GLY A 385 -5.73 -18.95 -0.54
N MET A 386 -4.80 -19.93 -0.73
CA MET A 386 -5.09 -21.32 -0.29
C MET A 386 -5.27 -21.39 1.23
N ALA A 387 -4.49 -20.64 2.03
CA ALA A 387 -4.63 -20.64 3.50
C ALA A 387 -5.93 -19.96 3.87
N TRP A 388 -6.31 -18.85 3.22
CA TRP A 388 -7.61 -18.21 3.49
C TRP A 388 -8.74 -19.18 3.11
N ASP A 389 -8.52 -20.00 2.07
CA ASP A 389 -9.60 -20.94 1.70
C ASP A 389 -9.82 -21.97 2.81
N LEU A 390 -8.80 -22.41 3.52
CA LEU A 390 -8.91 -23.30 4.69
C LEU A 390 -9.60 -22.54 5.81
N VAL A 391 -9.25 -21.28 6.02
CA VAL A 391 -9.97 -20.43 6.99
C VAL A 391 -11.52 -20.43 6.76
N ALA A 392 -11.95 -20.31 5.52
CA ALA A 392 -13.37 -20.31 5.11
C ALA A 392 -14.07 -21.63 5.52
N GLN A 393 -13.33 -22.66 5.75
CA GLN A 393 -13.87 -23.99 6.11
C GLN A 393 -13.71 -24.19 7.61
N GLY A 394 -13.05 -23.27 8.30
CA GLY A 394 -12.60 -23.51 9.69
C GLY A 394 -11.50 -24.56 9.86
N ARG A 395 -10.71 -24.86 8.83
CA ARG A 395 -9.74 -25.97 8.69
CA ARG A 395 -9.73 -25.98 8.79
C ARG A 395 -8.28 -25.47 8.69
N LEU A 396 -8.01 -24.18 8.96
CA LEU A 396 -6.57 -23.80 9.00
C LEU A 396 -5.98 -24.21 10.34
N THR A 397 -4.98 -25.07 10.30
CA THR A 397 -4.15 -25.43 11.47
C THR A 397 -2.72 -24.98 11.20
N ARG A 398 -1.89 -24.99 12.22
CA ARG A 398 -0.52 -24.53 12.05
C ARG A 398 0.19 -25.48 11.06
N GLU A 399 -0.10 -26.78 11.15
CA GLU A 399 0.55 -27.77 10.24
C GLU A 399 0.07 -27.50 8.79
N ALA A 400 -1.22 -27.28 8.59
CA ALA A 400 -1.78 -27.02 7.23
C ALA A 400 -1.18 -25.73 6.67
N LEU A 401 -0.97 -24.75 7.49
CA LEU A 401 -0.39 -23.48 7.01
C LEU A 401 1.07 -23.71 6.65
N LYS A 402 1.82 -24.48 7.46
CA LYS A 402 3.22 -24.79 7.19
C LYS A 402 3.29 -25.51 5.87
N ASP A 403 2.43 -26.47 5.62
CA ASP A 403 2.55 -27.30 4.40
C ASP A 403 2.30 -26.40 3.18
N LEU A 404 1.32 -25.53 3.25
CA LEU A 404 1.07 -24.54 2.15
C LEU A 404 2.29 -23.65 1.91
N MET A 405 2.88 -23.12 2.98
CA MET A 405 4.02 -22.19 2.82
C MET A 405 5.28 -22.96 2.40
N ASP A 406 5.39 -24.26 2.71
CA ASP A 406 6.50 -25.10 2.16
C ASP A 406 6.34 -25.24 0.65
N LYS A 407 5.12 -25.37 0.16
CA LYS A 407 4.91 -25.47 -1.29
C LYS A 407 5.14 -24.11 -1.94
N ALA A 408 4.66 -23.06 -1.28
CA ALA A 408 4.90 -21.66 -1.73
C ALA A 408 6.42 -21.46 -1.90
N SER A 409 7.20 -21.90 -0.89
CA SER A 409 8.62 -21.54 -0.80
C SER A 409 9.41 -22.32 -1.87
N ALA A 410 9.08 -23.59 -2.12
CA ALA A 410 9.66 -24.41 -3.22
C ALA A 410 9.40 -23.67 -4.52
N ALA A 411 8.17 -23.18 -4.73
CA ALA A 411 7.82 -22.53 -6.02
C ALA A 411 8.56 -21.21 -6.17
N ILE A 412 8.59 -20.43 -5.10
CA ILE A 412 9.29 -19.14 -5.08
C ILE A 412 10.78 -19.36 -5.36
N ASN A 413 11.36 -20.27 -4.62
CA ASN A 413 12.82 -20.53 -4.73
C ASN A 413 13.14 -20.86 -6.19
N GLN A 414 12.36 -21.71 -6.85
CA GLN A 414 12.56 -22.06 -8.27
C GLN A 414 12.38 -20.80 -9.12
N ALA A 415 11.37 -19.99 -8.85
CA ALA A 415 11.16 -18.71 -9.59
C ALA A 415 12.40 -17.81 -9.49
N LEU A 416 13.00 -17.71 -8.30
CA LEU A 416 14.16 -16.80 -8.07
C LEU A 416 15.42 -17.37 -8.74
N ARG A 417 15.43 -18.64 -9.11
CA ARG A 417 16.59 -19.32 -9.76
C ARG A 417 16.54 -19.00 -11.24
N HIS A 418 15.44 -18.43 -11.73
CA HIS A 418 15.24 -18.19 -13.21
C HIS A 418 15.20 -16.69 -13.56
N HIS A 419 15.71 -16.39 -14.75
CA HIS A 419 16.20 -15.09 -15.31
C HIS A 419 15.05 -14.17 -15.73
#